data_6PDI
#
_entry.id   6PDI
#
_cell.length_a   96.961
_cell.length_b   96.961
_cell.length_c   80.065
_cell.angle_alpha   90.000
_cell.angle_beta   90.000
_cell.angle_gamma   120.000
#
_symmetry.space_group_name_H-M   'P 65'
#
loop_
_entity.id
_entity.type
_entity.pdbx_description
1 polymer 'Serine/threonine-protein kinase pim-1'
2 polymer Peptide
3 non-polymer 4-(5-{[(3-aminophenyl)methyl]carbamoyl}thiophen-2-yl)-1-benzothiophene-2-carboxamide
4 non-polymer GLYCEROL
5 non-polymer 1,2-ETHANEDIOL
6 water water
#
loop_
_entity_poly.entity_id
_entity_poly.type
_entity_poly.pdbx_seq_one_letter_code
_entity_poly.pdbx_strand_id
1 'polypeptide(L)'
;SMLLSKINSLAHLRAAPCNDLHATKLAPGKEKEPLESQYQVGPLLGSGGFGSVYSGIRVSDNLPVAIKHVEKDRISDWGE
LPNGTRVPMEVVLLKKVSSGFSGVIRLLDWFERPDSFVLILERPEPVQDLFDFITERGALQEELARSFFWQVLEAVRHCH
NCGVLHRDIKDENILIDLNRGELKLIDFGSGALLKDTVYTDFDGTRVYSPPEWIRYHRYHGRSAAVWSLGILLYDMVCGD
IPFEHDEEIIGGQVFFRQRVSSECQHLIRWCLALRPSDRPTFEEIQNHPWMQDVLLPQETAEIHLHSLSPGPS
;
A
2 'polypeptide(L)' ARKRRRHPSGPPTA B
#
# COMPACT_ATOMS: atom_id res chain seq x y z
N GLU A 33 -7.61 22.27 -21.77
CA GLU A 33 -7.77 20.78 -21.87
C GLU A 33 -6.40 20.09 -21.82
N PRO A 34 -5.41 20.45 -22.69
CA PRO A 34 -4.10 19.80 -22.65
C PRO A 34 -3.43 19.95 -21.28
N LEU A 35 -2.76 18.88 -20.83
CA LEU A 35 -2.03 18.77 -19.53
C LEU A 35 -1.17 20.02 -19.29
N GLU A 36 -0.38 20.41 -20.30
CA GLU A 36 0.57 21.54 -20.28
C GLU A 36 0.02 22.70 -19.43
N SER A 37 -1.21 23.15 -19.72
CA SER A 37 -1.81 24.43 -19.21
C SER A 37 -2.73 24.20 -18.01
N GLN A 38 -3.20 22.98 -17.76
CA GLN A 38 -4.23 22.70 -16.72
C GLN A 38 -3.57 22.49 -15.35
N TYR A 39 -2.26 22.22 -15.31
CA TYR A 39 -1.48 22.00 -14.07
C TYR A 39 -0.18 22.81 -14.13
N GLN A 40 0.28 23.32 -12.98
CA GLN A 40 1.65 23.85 -12.78
C GLN A 40 2.50 22.70 -12.24
N VAL A 41 3.55 22.31 -12.98
CA VAL A 41 4.45 21.16 -12.66
C VAL A 41 5.54 21.64 -11.70
N GLY A 42 5.65 21.01 -10.54
CA GLY A 42 6.71 21.26 -9.55
C GLY A 42 7.89 20.31 -9.74
N PRO A 43 8.65 20.02 -8.66
CA PRO A 43 9.80 19.12 -8.75
C PRO A 43 9.42 17.66 -8.51
N LEU A 44 10.34 16.76 -8.85
CA LEU A 44 10.26 15.31 -8.57
C LEU A 44 9.98 15.06 -7.09
N LEU A 45 9.18 14.04 -6.78
CA LEU A 45 8.97 13.43 -5.43
C LEU A 45 9.71 12.08 -5.38
N GLY A 46 9.75 11.33 -6.49
CA GLY A 46 10.41 10.01 -6.57
C GLY A 46 10.21 9.31 -7.92
N SER A 47 10.90 8.18 -8.09
CA SER A 47 10.84 7.29 -9.28
C SER A 47 11.23 5.85 -8.89
N GLY A 48 10.88 4.89 -9.75
CA GLY A 48 11.22 3.47 -9.60
C GLY A 48 10.37 2.57 -10.50
N GLY A 49 10.08 1.35 -10.02
CA GLY A 49 9.15 0.41 -10.68
C GLY A 49 7.81 1.07 -11.03
N PHE A 50 7.36 2.04 -10.24
CA PHE A 50 6.06 2.74 -10.38
C PHE A 50 6.08 3.73 -11.56
N GLY A 51 7.19 4.43 -11.76
CA GLY A 51 7.30 5.53 -12.75
C GLY A 51 8.10 6.68 -12.17
N SER A 52 7.70 7.91 -12.49
CA SER A 52 8.32 9.21 -12.09
C SER A 52 7.21 10.15 -11.65
N VAL A 53 7.30 10.67 -10.44
CA VAL A 53 6.16 11.39 -9.80
C VAL A 53 6.61 12.78 -9.40
N TYR A 54 5.92 13.79 -9.93
CA TYR A 54 6.23 15.22 -9.69
C TYR A 54 5.16 15.83 -8.79
N SER A 55 5.58 16.80 -7.99
CA SER A 55 4.68 17.75 -7.29
C SER A 55 4.04 18.61 -8.37
N GLY A 56 2.82 19.06 -8.10
CA GLY A 56 1.99 19.80 -9.05
C GLY A 56 0.90 20.56 -8.32
N ILE A 57 0.34 21.56 -9.00
CA ILE A 57 -0.79 22.39 -8.54
C ILE A 57 -1.80 22.39 -9.67
N ARG A 58 -3.07 22.17 -9.36
CA ARG A 58 -4.17 22.37 -10.34
C ARG A 58 -4.46 23.86 -10.42
N VAL A 59 -4.32 24.47 -11.61
CA VAL A 59 -4.38 25.96 -11.77
C VAL A 59 -5.81 26.43 -11.47
N SER A 60 -6.82 25.71 -11.94
CA SER A 60 -8.25 26.09 -11.81
C SER A 60 -8.59 26.42 -10.35
N ASP A 61 -7.96 25.77 -9.36
CA ASP A 61 -8.29 25.96 -7.92
C ASP A 61 -7.07 25.78 -6.99
N ASN A 62 -5.85 25.70 -7.52
CA ASN A 62 -4.59 25.59 -6.74
C ASN A 62 -4.59 24.35 -5.82
N LEU A 63 -5.34 23.29 -6.16
CA LEU A 63 -5.32 22.01 -5.41
C LEU A 63 -3.94 21.37 -5.55
N PRO A 64 -3.28 20.93 -4.46
CA PRO A 64 -2.01 20.21 -4.59
C PRO A 64 -2.26 18.82 -5.21
N VAL A 65 -1.47 18.49 -6.23
CA VAL A 65 -1.57 17.18 -6.95
C VAL A 65 -0.18 16.53 -7.03
N ALA A 66 -0.17 15.24 -7.35
CA ALA A 66 1.03 14.47 -7.76
C ALA A 66 0.79 14.08 -9.22
N ILE A 67 1.78 14.31 -10.06
CA ILE A 67 1.71 14.00 -11.51
C ILE A 67 2.64 12.81 -11.76
N LYS A 68 2.05 11.66 -12.06
CA LYS A 68 2.79 10.39 -12.24
C LYS A 68 2.85 10.08 -13.73
N HIS A 69 4.05 9.83 -14.24
CA HIS A 69 4.32 9.48 -15.65
C HIS A 69 4.72 8.02 -15.72
N VAL A 70 4.10 7.27 -16.64
CA VAL A 70 4.48 5.86 -16.91
C VAL A 70 4.73 5.73 -18.41
N GLU A 71 5.87 5.15 -18.78
CA GLU A 71 6.24 4.90 -20.19
C GLU A 71 5.42 3.70 -20.70
N LYS A 72 4.78 3.83 -21.86
CA LYS A 72 3.99 2.73 -22.47
C LYS A 72 4.87 1.48 -22.62
N ASP A 73 6.10 1.62 -23.06
CA ASP A 73 7.04 0.49 -23.34
C ASP A 73 7.38 -0.26 -22.04
N ARG A 74 7.14 0.34 -20.87
CA ARG A 74 7.43 -0.24 -19.54
C ARG A 74 6.18 -0.90 -18.93
N ILE A 75 4.98 -0.68 -19.49
CA ILE A 75 3.70 -1.25 -18.95
C ILE A 75 3.51 -2.66 -19.52
N SER A 76 3.42 -3.66 -18.64
CA SER A 76 3.21 -5.09 -19.01
C SER A 76 1.73 -5.48 -18.86
N ASP A 77 0.98 -4.80 -17.99
CA ASP A 77 -0.45 -5.13 -17.70
C ASP A 77 -1.35 -4.03 -18.28
N TRP A 78 -2.21 -4.40 -19.22
CA TRP A 78 -3.13 -3.47 -19.92
C TRP A 78 -4.58 -3.85 -19.61
N GLY A 79 -5.46 -2.87 -19.48
CA GLY A 79 -6.90 -3.10 -19.31
C GLY A 79 -7.72 -2.20 -20.22
N GLU A 80 -9.04 -2.25 -20.06
CA GLU A 80 -10.02 -1.45 -20.83
C GLU A 80 -10.96 -0.77 -19.83
N LEU A 81 -11.30 0.49 -20.09
CA LEU A 81 -12.33 1.26 -19.33
C LEU A 81 -13.69 0.86 -19.89
N PRO A 82 -14.81 1.17 -19.20
CA PRO A 82 -16.14 0.84 -19.70
C PRO A 82 -16.27 0.99 -21.23
N ASN A 83 -15.85 2.13 -21.77
CA ASN A 83 -15.94 2.50 -23.21
C ASN A 83 -14.89 1.74 -24.05
N GLY A 84 -14.04 0.92 -23.43
CA GLY A 84 -13.09 0.02 -24.11
C GLY A 84 -11.81 0.72 -24.55
N THR A 85 -11.53 1.93 -24.03
CA THR A 85 -10.22 2.62 -24.22
C THR A 85 -9.14 1.76 -23.59
N ARG A 86 -8.07 1.46 -24.33
CA ARG A 86 -6.93 0.62 -23.84
C ARG A 86 -6.11 1.50 -22.89
N VAL A 87 -5.97 1.10 -21.62
CA VAL A 87 -5.21 1.89 -20.61
C VAL A 87 -4.37 0.94 -19.77
N PRO A 88 -3.35 1.45 -19.06
CA PRO A 88 -2.64 0.63 -18.08
C PRO A 88 -3.68 0.09 -17.09
N MET A 89 -3.53 -1.17 -16.66
CA MET A 89 -4.32 -1.77 -15.55
C MET A 89 -4.37 -0.79 -14.37
N GLU A 90 -3.27 -0.09 -14.12
CA GLU A 90 -3.17 0.86 -13.00
C GLU A 90 -4.31 1.88 -13.06
N VAL A 91 -4.65 2.37 -14.26
CA VAL A 91 -5.73 3.38 -14.43
C VAL A 91 -7.07 2.70 -14.17
N VAL A 92 -7.25 1.47 -14.67
CA VAL A 92 -8.49 0.66 -14.45
C VAL A 92 -8.71 0.53 -12.95
N LEU A 93 -7.67 0.12 -12.20
CA LEU A 93 -7.79 -0.17 -10.75
C LEU A 93 -8.05 1.14 -10.00
N LEU A 94 -7.28 2.18 -10.31
CA LEU A 94 -7.44 3.51 -9.67
C LEU A 94 -8.86 4.02 -9.85
N LYS A 95 -9.43 3.95 -11.07
CA LYS A 95 -10.82 4.41 -11.30
C LYS A 95 -11.79 3.59 -10.46
N LYS A 96 -11.56 2.29 -10.31
CA LYS A 96 -12.50 1.44 -9.51
C LYS A 96 -12.46 1.86 -8.04
N VAL A 97 -11.30 2.27 -7.51
CA VAL A 97 -11.20 2.57 -6.06
C VAL A 97 -11.37 4.06 -5.78
N SER A 98 -11.42 4.92 -6.82
CA SER A 98 -11.32 6.40 -6.63
C SER A 98 -12.70 7.06 -6.47
N SER A 99 -13.77 6.28 -6.43
CA SER A 99 -15.17 6.80 -6.30
C SER A 99 -15.48 6.95 -4.82
N GLY A 100 -15.82 8.18 -4.41
CA GLY A 100 -16.11 8.54 -3.00
C GLY A 100 -14.83 8.69 -2.20
N PHE A 101 -14.95 8.81 -0.88
CA PHE A 101 -13.81 9.03 0.05
C PHE A 101 -13.28 7.68 0.52
N SER A 102 -11.96 7.59 0.75
CA SER A 102 -11.37 6.37 1.34
C SER A 102 -9.92 6.65 1.73
N GLY A 103 -9.28 5.65 2.32
CA GLY A 103 -7.84 5.64 2.57
C GLY A 103 -7.07 5.24 1.34
N VAL A 104 -7.51 5.60 0.13
CA VAL A 104 -6.71 5.41 -1.11
C VAL A 104 -6.45 6.77 -1.76
N ILE A 105 -5.23 7.04 -2.24
CA ILE A 105 -4.91 8.27 -3.04
C ILE A 105 -5.76 8.17 -4.31
N ARG A 106 -6.60 9.16 -4.56
CA ARG A 106 -7.56 9.15 -5.70
C ARG A 106 -6.92 9.64 -7.00
N LEU A 107 -7.27 8.97 -8.09
CA LEU A 107 -7.01 9.45 -9.48
C LEU A 107 -8.00 10.57 -9.82
N LEU A 108 -7.51 11.79 -10.07
CA LEU A 108 -8.37 12.97 -10.36
C LEU A 108 -8.59 13.07 -11.87
N ASP A 109 -7.60 12.64 -12.64
CA ASP A 109 -7.61 12.73 -14.12
C ASP A 109 -6.43 11.91 -14.66
N TRP A 110 -6.46 11.64 -15.96
CA TRP A 110 -5.34 10.98 -16.66
C TRP A 110 -5.34 11.45 -18.10
N PHE A 111 -4.19 11.35 -18.75
CA PHE A 111 -3.96 11.77 -20.14
C PHE A 111 -3.09 10.72 -20.80
N GLU A 112 -3.29 10.52 -22.10
CA GLU A 112 -2.44 9.68 -22.96
C GLU A 112 -1.53 10.60 -23.78
N ARG A 113 -0.26 10.24 -23.85
CA ARG A 113 0.76 10.91 -24.71
C ARG A 113 1.25 9.85 -25.68
N PRO A 114 2.03 10.22 -26.72
CA PRO A 114 2.46 9.25 -27.72
C PRO A 114 3.18 8.05 -27.07
N ASP A 115 4.01 8.28 -26.06
CA ASP A 115 4.92 7.25 -25.51
C ASP A 115 4.62 6.98 -24.03
N SER A 116 3.64 7.67 -23.43
CA SER A 116 3.39 7.55 -21.96
C SER A 116 1.92 7.82 -21.61
N PHE A 117 1.56 7.46 -20.37
CA PHE A 117 0.35 7.95 -19.67
C PHE A 117 0.77 8.86 -18.52
N VAL A 118 -0.04 9.87 -18.26
CA VAL A 118 0.13 10.81 -17.13
C VAL A 118 -1.11 10.69 -16.25
N LEU A 119 -0.89 10.42 -14.97
CA LEU A 119 -1.96 10.25 -13.95
C LEU A 119 -1.89 11.46 -13.03
N ILE A 120 -3.02 12.13 -12.81
CA ILE A 120 -3.12 13.25 -11.82
C ILE A 120 -3.73 12.66 -10.55
N LEU A 121 -2.98 12.69 -9.47
CA LEU A 121 -3.34 12.05 -8.19
C LEU A 121 -3.44 13.13 -7.11
N GLU A 122 -4.22 12.85 -6.07
CA GLU A 122 -4.29 13.68 -4.84
C GLU A 122 -2.88 13.77 -4.27
N ARG A 123 -2.58 14.90 -3.65
CA ARG A 123 -1.36 15.05 -2.82
C ARG A 123 -1.76 15.69 -1.50
N PRO A 124 -1.84 14.90 -0.41
CA PRO A 124 -1.94 15.49 0.92
C PRO A 124 -0.68 16.32 1.18
N GLU A 125 -0.84 17.35 2.01
CA GLU A 125 0.24 18.28 2.42
C GLU A 125 -0.10 18.77 3.83
N PRO A 126 0.77 18.57 4.85
CA PRO A 126 2.03 17.82 4.69
C PRO A 126 1.86 16.30 4.74
N VAL A 127 2.82 15.58 4.14
CA VAL A 127 2.79 14.11 3.98
C VAL A 127 4.18 13.55 4.30
N GLN A 128 4.21 12.34 4.83
CA GLN A 128 5.42 11.47 4.86
C GLN A 128 4.98 10.04 4.59
N ASP A 129 5.77 9.28 3.83
CA ASP A 129 5.46 7.85 3.61
C ASP A 129 5.79 7.11 4.90
N LEU A 130 5.13 5.98 5.10
CA LEU A 130 5.23 5.23 6.37
C LEU A 130 6.63 4.63 6.48
N PHE A 131 7.30 4.34 5.35
CA PHE A 131 8.68 3.81 5.39
C PHE A 131 9.59 4.84 6.09
N ASP A 132 9.57 6.10 5.62
CA ASP A 132 10.41 7.19 6.19
C ASP A 132 9.97 7.46 7.64
N PHE A 133 8.68 7.40 7.92
CA PHE A 133 8.13 7.65 9.28
C PHE A 133 8.74 6.65 10.26
N ILE A 134 8.73 5.37 9.89
CA ILE A 134 9.24 4.27 10.78
C ILE A 134 10.76 4.39 10.88
N THR A 135 11.45 4.73 9.79
CA THR A 135 12.91 4.95 9.84
C THR A 135 13.23 6.03 10.87
N GLU A 136 12.50 7.13 10.82
CA GLU A 136 12.80 8.32 11.67
C GLU A 136 12.37 8.06 13.11
N ARG A 137 11.22 7.43 13.32
CA ARG A 137 10.65 7.31 14.70
C ARG A 137 11.09 6.01 15.37
N GLY A 138 11.48 5.00 14.59
CA GLY A 138 11.74 3.64 15.08
C GLY A 138 10.44 2.89 15.25
N ALA A 139 10.48 1.78 16.01
CA ALA A 139 9.30 0.94 16.33
C ALA A 139 8.19 1.84 16.88
N LEU A 140 7.00 1.75 16.34
CA LEU A 140 5.87 2.58 16.81
C LEU A 140 5.28 1.99 18.09
N GLN A 141 4.84 2.86 18.98
CA GLN A 141 3.96 2.50 20.11
C GLN A 141 2.75 1.73 19.58
N GLU A 142 2.28 0.75 20.36
CA GLU A 142 1.19 -0.15 19.90
C GLU A 142 -0.08 0.68 19.63
N GLU A 143 -0.36 1.71 20.41
CA GLU A 143 -1.56 2.54 20.20
C GLU A 143 -1.53 3.14 18.78
N LEU A 144 -0.35 3.59 18.34
CA LEU A 144 -0.15 4.26 17.04
C LEU A 144 -0.15 3.19 15.94
N ALA A 145 0.53 2.07 16.16
CA ALA A 145 0.52 0.94 15.21
C ALA A 145 -0.94 0.47 15.01
N ARG A 146 -1.74 0.40 16.08
CA ARG A 146 -3.17 -0.04 16.01
C ARG A 146 -3.93 0.90 15.09
N SER A 147 -3.79 2.22 15.28
CA SER A 147 -4.52 3.23 14.49
C SER A 147 -4.12 3.11 13.01
N PHE A 148 -2.83 3.03 12.73
CA PHE A 148 -2.29 2.94 11.36
C PHE A 148 -2.76 1.65 10.69
N PHE A 149 -2.63 0.54 11.40
CA PHE A 149 -2.94 -0.80 10.86
C PHE A 149 -4.44 -0.88 10.54
N TRP A 150 -5.25 -0.39 11.47
CA TRP A 150 -6.72 -0.36 11.30
C TRP A 150 -7.07 0.39 10.02
N GLN A 151 -6.48 1.58 9.82
CA GLN A 151 -6.77 2.40 8.62
C GLN A 151 -6.29 1.66 7.36
N VAL A 152 -5.18 0.93 7.43
CA VAL A 152 -4.71 0.16 6.23
C VAL A 152 -5.72 -0.95 5.96
N LEU A 153 -6.19 -1.65 7.00
CA LEU A 153 -7.22 -2.70 6.83
C LEU A 153 -8.47 -2.10 6.17
N GLU A 154 -8.95 -0.95 6.64
CA GLU A 154 -10.17 -0.31 6.03
C GLU A 154 -9.91 0.00 4.55
N ALA A 155 -8.71 0.51 4.21
CA ALA A 155 -8.34 0.87 2.82
C ALA A 155 -8.29 -0.38 1.96
N VAL A 156 -7.72 -1.46 2.48
CA VAL A 156 -7.58 -2.72 1.71
C VAL A 156 -8.98 -3.31 1.52
N ARG A 157 -9.82 -3.28 2.54
CA ARG A 157 -11.23 -3.75 2.44
C ARG A 157 -11.94 -2.95 1.34
N HIS A 158 -11.71 -1.63 1.30
CA HIS A 158 -12.31 -0.74 0.28
C HIS A 158 -11.89 -1.25 -1.10
N CYS A 159 -10.60 -1.52 -1.31
CA CYS A 159 -10.07 -2.00 -2.61
C CYS A 159 -10.82 -3.29 -2.98
N HIS A 160 -10.86 -4.27 -2.06
CA HIS A 160 -11.49 -5.60 -2.29
C HIS A 160 -12.98 -5.40 -2.60
N ASN A 161 -13.67 -4.49 -1.89
CA ASN A 161 -15.11 -4.17 -2.11
C ASN A 161 -15.29 -3.64 -3.54
N CYS A 162 -14.29 -2.94 -4.08
CA CYS A 162 -14.32 -2.33 -5.43
C CYS A 162 -13.82 -3.33 -6.50
N GLY A 163 -13.46 -4.56 -6.13
CA GLY A 163 -12.98 -5.58 -7.07
C GLY A 163 -11.50 -5.40 -7.43
N VAL A 164 -10.72 -4.79 -6.54
CA VAL A 164 -9.28 -4.46 -6.81
C VAL A 164 -8.40 -5.14 -5.76
N LEU A 165 -7.35 -5.84 -6.21
CA LEU A 165 -6.30 -6.43 -5.34
C LEU A 165 -5.03 -5.59 -5.50
N HIS A 166 -4.49 -5.02 -4.44
CA HIS A 166 -3.33 -4.09 -4.55
C HIS A 166 -2.05 -4.88 -4.94
N ARG A 167 -1.77 -5.96 -4.23
CA ARG A 167 -0.60 -6.86 -4.45
C ARG A 167 0.74 -6.21 -4.10
N ASP A 168 0.79 -5.03 -3.49
CA ASP A 168 2.09 -4.46 -3.06
C ASP A 168 1.88 -3.63 -1.78
N ILE A 169 1.14 -4.17 -0.83
CA ILE A 169 0.94 -3.49 0.49
C ILE A 169 2.31 -3.49 1.20
N LYS A 170 2.84 -2.31 1.52
CA LYS A 170 4.11 -2.17 2.28
C LYS A 170 4.15 -0.74 2.78
N ASP A 171 5.03 -0.46 3.73
CA ASP A 171 5.15 0.88 4.35
C ASP A 171 5.46 1.92 3.26
N GLU A 172 6.25 1.56 2.25
CA GLU A 172 6.66 2.48 1.15
C GLU A 172 5.40 2.93 0.36
N ASN A 173 4.36 2.12 0.35
CA ASN A 173 3.14 2.38 -0.48
C ASN A 173 2.01 2.92 0.39
N ILE A 174 2.34 3.52 1.54
CA ILE A 174 1.36 4.16 2.46
C ILE A 174 1.84 5.57 2.76
N LEU A 175 1.01 6.58 2.43
CA LEU A 175 1.27 7.99 2.79
C LEU A 175 0.51 8.31 4.09
N ILE A 176 1.13 9.10 4.96
CA ILE A 176 0.51 9.66 6.20
C ILE A 176 0.21 11.13 5.93
N ASP A 177 -1.07 11.51 5.95
CA ASP A 177 -1.50 12.92 6.10
C ASP A 177 -1.28 13.30 7.56
N LEU A 178 -0.18 14.02 7.83
CA LEU A 178 0.34 14.26 9.20
C LEU A 178 -0.63 15.15 9.98
N ASN A 179 -1.39 16.04 9.32
CA ASN A 179 -2.31 16.97 10.01
C ASN A 179 -3.66 16.29 10.29
N ARG A 180 -4.12 15.39 9.43
CA ARG A 180 -5.44 14.71 9.58
C ARG A 180 -5.29 13.36 10.29
N GLY A 181 -4.09 12.80 10.37
CA GLY A 181 -3.86 11.46 10.93
C GLY A 181 -4.44 10.35 10.05
N GLU A 182 -4.49 10.59 8.73
CA GLU A 182 -5.12 9.69 7.73
C GLU A 182 -4.03 9.04 6.88
N LEU A 183 -4.11 7.72 6.73
CA LEU A 183 -3.23 6.91 5.86
C LEU A 183 -3.92 6.70 4.50
N LYS A 184 -3.12 6.78 3.44
CA LYS A 184 -3.57 6.65 2.04
C LYS A 184 -2.69 5.64 1.33
N LEU A 185 -3.30 4.63 0.73
CA LEU A 185 -2.63 3.64 -0.14
C LEU A 185 -2.26 4.26 -1.48
N ILE A 186 -1.04 3.98 -1.95
CA ILE A 186 -0.56 4.39 -3.29
C ILE A 186 -0.03 3.18 -4.06
N ASP A 187 0.24 3.42 -5.35
CA ASP A 187 0.95 2.55 -6.30
C ASP A 187 0.18 1.23 -6.51
N PHE A 188 -0.82 1.29 -7.37
CA PHE A 188 -1.62 0.14 -7.85
C PHE A 188 -0.99 -0.47 -9.10
N GLY A 189 0.27 -0.10 -9.42
CA GLY A 189 0.99 -0.56 -10.62
C GLY A 189 1.27 -2.06 -10.65
N SER A 190 1.21 -2.77 -9.51
CA SER A 190 1.41 -4.24 -9.44
C SER A 190 0.07 -4.96 -9.19
N GLY A 191 -1.04 -4.23 -9.21
CA GLY A 191 -2.35 -4.75 -8.76
C GLY A 191 -3.00 -5.61 -9.82
N ALA A 192 -4.18 -6.12 -9.51
CA ALA A 192 -5.00 -6.89 -10.46
C ALA A 192 -6.47 -6.73 -10.08
N LEU A 193 -7.36 -7.10 -10.99
CA LEU A 193 -8.79 -7.31 -10.64
C LEU A 193 -8.82 -8.43 -9.59
N LEU A 194 -9.58 -8.27 -8.52
CA LEU A 194 -9.72 -9.33 -7.48
C LEU A 194 -10.50 -10.51 -8.09
N LYS A 195 -9.99 -11.72 -7.92
CA LYS A 195 -10.69 -12.97 -8.34
C LYS A 195 -10.55 -13.96 -7.20
N ASP A 196 -11.37 -15.01 -7.23
CA ASP A 196 -11.41 -16.08 -6.22
C ASP A 196 -10.53 -17.25 -6.67
N THR A 197 -10.01 -17.22 -7.90
CA THR A 197 -9.16 -18.29 -8.48
C THR A 197 -7.69 -17.98 -8.23
N VAL A 198 -6.79 -18.91 -8.54
CA VAL A 198 -5.35 -18.80 -8.20
C VAL A 198 -4.71 -17.71 -9.07
N TYR A 199 -3.77 -16.94 -8.51
CA TYR A 199 -2.84 -16.07 -9.26
C TYR A 199 -1.52 -16.83 -9.47
N THR A 200 -0.97 -16.79 -10.69
CA THR A 200 0.33 -17.44 -11.05
C THR A 200 1.36 -16.38 -11.49
N ASP A 201 1.00 -15.11 -11.42
CA ASP A 201 1.86 -13.94 -11.79
C ASP A 201 1.99 -13.07 -10.53
N PHE A 202 3.13 -12.39 -10.34
CA PHE A 202 3.35 -11.42 -9.24
C PHE A 202 4.53 -10.50 -9.58
N ASP A 203 4.36 -9.21 -9.31
CA ASP A 203 5.36 -8.15 -9.60
C ASP A 203 5.48 -7.20 -8.42
N GLY A 204 5.03 -7.62 -7.24
CA GLY A 204 5.05 -6.80 -6.01
C GLY A 204 6.39 -6.94 -5.33
N THR A 205 6.47 -6.69 -4.04
CA THR A 205 7.74 -6.70 -3.28
C THR A 205 7.93 -8.08 -2.68
N ARG A 206 9.04 -8.74 -3.03
CA ARG A 206 9.28 -10.16 -2.68
C ARG A 206 9.29 -10.34 -1.16
N VAL A 207 9.85 -9.38 -0.41
CA VAL A 207 10.02 -9.53 1.08
C VAL A 207 8.67 -9.38 1.77
N TYR A 208 7.62 -8.94 1.07
CA TYR A 208 6.23 -8.94 1.61
C TYR A 208 5.37 -10.04 0.97
N SER A 209 5.96 -10.86 0.08
CA SER A 209 5.24 -11.93 -0.67
C SER A 209 5.17 -13.18 0.19
N PRO A 210 4.10 -13.99 0.03
CA PRO A 210 3.89 -15.13 0.92
C PRO A 210 4.69 -16.36 0.52
N PRO A 211 4.85 -17.30 1.47
CA PRO A 211 5.65 -18.50 1.24
C PRO A 211 5.12 -19.33 0.06
N GLU A 212 3.80 -19.36 -0.15
CA GLU A 212 3.21 -20.16 -1.26
C GLU A 212 3.66 -19.57 -2.59
N TRP A 213 3.91 -18.25 -2.66
CA TRP A 213 4.47 -17.60 -3.87
C TRP A 213 5.95 -18.02 -4.01
N ILE A 214 6.73 -17.88 -2.93
CA ILE A 214 8.17 -18.27 -2.96
C ILE A 214 8.28 -19.74 -3.40
N ARG A 215 7.54 -20.64 -2.76
CA ARG A 215 7.70 -22.11 -2.98
C ARG A 215 7.08 -22.55 -4.30
N TYR A 216 5.85 -22.10 -4.63
CA TYR A 216 5.02 -22.73 -5.69
C TYR A 216 4.60 -21.75 -6.79
N HIS A 217 4.95 -20.47 -6.70
CA HIS A 217 4.58 -19.45 -7.72
C HIS A 217 3.05 -19.47 -7.89
N ARG A 218 2.32 -19.64 -6.80
CA ARG A 218 0.84 -19.64 -6.74
C ARG A 218 0.42 -18.95 -5.46
N TYR A 219 -0.67 -18.18 -5.50
CA TYR A 219 -1.29 -17.59 -4.28
C TYR A 219 -2.74 -17.24 -4.60
N HIS A 220 -3.56 -17.08 -3.55
CA HIS A 220 -4.92 -16.52 -3.64
C HIS A 220 -4.85 -15.09 -3.11
N GLY A 221 -5.68 -14.20 -3.65
CA GLY A 221 -5.55 -12.75 -3.42
C GLY A 221 -5.64 -12.37 -1.95
N ARG A 222 -6.74 -12.74 -1.29
CA ARG A 222 -7.03 -12.27 0.08
C ARG A 222 -6.00 -12.81 1.05
N SER A 223 -5.66 -14.10 0.95
CA SER A 223 -4.76 -14.75 1.93
C SER A 223 -3.32 -14.22 1.73
N ALA A 224 -2.93 -13.89 0.50
CA ALA A 224 -1.63 -13.22 0.21
C ALA A 224 -1.63 -11.80 0.79
N ALA A 225 -2.74 -11.07 0.70
CA ALA A 225 -2.87 -9.70 1.25
C ALA A 225 -2.70 -9.77 2.76
N VAL A 226 -3.30 -10.76 3.41
CA VAL A 226 -3.22 -10.91 4.89
C VAL A 226 -1.76 -11.19 5.27
N TRP A 227 -1.04 -12.00 4.50
CA TRP A 227 0.40 -12.25 4.77
C TRP A 227 1.14 -10.91 4.75
N SER A 228 0.97 -10.11 3.68
CA SER A 228 1.66 -8.80 3.54
C SER A 228 1.30 -7.87 4.71
N LEU A 229 0.08 -7.97 5.21
CA LEU A 229 -0.37 -7.15 6.37
C LEU A 229 0.31 -7.61 7.66
N GLY A 230 0.53 -8.92 7.84
CA GLY A 230 1.37 -9.45 8.92
C GLY A 230 2.78 -8.86 8.90
N ILE A 231 3.40 -8.83 7.73
CA ILE A 231 4.76 -8.25 7.51
C ILE A 231 4.70 -6.77 7.91
N LEU A 232 3.67 -6.06 7.45
CA LEU A 232 3.53 -4.60 7.72
C LEU A 232 3.36 -4.35 9.23
N LEU A 233 2.51 -5.12 9.90
CA LEU A 233 2.26 -4.92 11.34
C LEU A 233 3.57 -5.18 12.10
N TYR A 234 4.30 -6.24 11.77
CA TYR A 234 5.62 -6.54 12.40
C TYR A 234 6.52 -5.32 12.21
N ASP A 235 6.60 -4.83 10.98
CA ASP A 235 7.37 -3.64 10.58
C ASP A 235 7.03 -2.46 11.51
N MET A 236 5.76 -2.21 11.74
CA MET A 236 5.31 -1.06 12.58
C MET A 236 5.78 -1.24 14.04
N VAL A 237 5.61 -2.41 14.64
CA VAL A 237 5.85 -2.55 16.10
C VAL A 237 7.32 -2.91 16.40
N CYS A 238 8.08 -3.35 15.39
CA CYS A 238 9.50 -3.78 15.54
C CYS A 238 10.46 -2.81 14.86
N GLY A 239 9.99 -1.97 13.94
CA GLY A 239 10.83 -0.94 13.30
C GLY A 239 11.50 -1.44 12.03
N ASP A 240 11.35 -2.71 11.69
CA ASP A 240 11.74 -3.22 10.35
C ASP A 240 11.01 -4.54 10.10
N ILE A 241 10.98 -4.94 8.83
CA ILE A 241 10.32 -6.20 8.39
C ILE A 241 11.06 -7.39 8.98
N PRO A 242 10.36 -8.52 9.21
CA PRO A 242 10.96 -9.68 9.87
C PRO A 242 11.90 -10.47 8.97
N PHE A 243 11.63 -10.50 7.66
CA PHE A 243 12.31 -11.43 6.72
C PHE A 243 12.98 -10.64 5.60
N GLU A 244 14.21 -11.03 5.25
CA GLU A 244 14.93 -10.49 4.06
C GLU A 244 15.12 -11.61 3.02
N HIS A 245 15.27 -12.85 3.45
CA HIS A 245 15.69 -13.98 2.58
C HIS A 245 14.54 -14.98 2.40
N ASP A 246 14.51 -15.65 1.24
CA ASP A 246 13.48 -16.66 0.86
C ASP A 246 13.35 -17.70 1.99
N GLU A 247 14.47 -18.17 2.54
CA GLU A 247 14.50 -19.23 3.57
C GLU A 247 13.77 -18.75 4.83
N GLU A 248 13.90 -17.46 5.18
CA GLU A 248 13.19 -16.86 6.33
C GLU A 248 11.67 -16.82 6.04
N ILE A 249 11.29 -16.41 4.83
CA ILE A 249 9.84 -16.30 4.45
C ILE A 249 9.19 -17.69 4.61
N ILE A 250 9.83 -18.75 4.14
CA ILE A 250 9.22 -20.12 4.12
C ILE A 250 9.45 -20.84 5.46
N GLY A 251 10.42 -20.40 6.28
CA GLY A 251 10.84 -21.07 7.53
C GLY A 251 9.74 -21.10 8.58
N GLY A 252 8.88 -20.09 8.61
CA GLY A 252 7.73 -20.01 9.54
C GLY A 252 8.12 -19.69 10.98
N GLN A 253 9.25 -18.99 11.20
CA GLN A 253 9.67 -18.57 12.57
C GLN A 253 9.72 -17.04 12.62
N VAL A 254 8.94 -16.47 13.53
CA VAL A 254 8.86 -15.00 13.76
C VAL A 254 9.53 -14.73 15.10
N PHE A 255 10.71 -14.13 15.06
CA PHE A 255 11.47 -13.65 16.24
C PHE A 255 11.17 -12.16 16.44
N PHE A 256 10.75 -11.77 17.64
CA PHE A 256 10.42 -10.36 18.00
C PHE A 256 11.67 -9.68 18.56
N ARG A 257 12.16 -8.67 17.84
CA ARG A 257 13.41 -7.92 18.10
C ARG A 257 13.11 -6.74 19.03
N GLN A 258 11.84 -6.48 19.28
CA GLN A 258 11.32 -5.36 20.11
C GLN A 258 10.27 -5.93 21.07
N ARG A 259 10.00 -5.23 22.17
CA ARG A 259 8.93 -5.58 23.11
C ARG A 259 7.61 -5.41 22.39
N VAL A 260 6.86 -6.49 22.29
CA VAL A 260 5.52 -6.51 21.62
C VAL A 260 4.58 -7.32 22.50
N SER A 261 3.40 -6.77 22.80
CA SER A 261 2.40 -7.40 23.68
C SER A 261 2.08 -8.78 23.12
N SER A 262 1.64 -9.69 23.97
CA SER A 262 1.27 -11.09 23.59
C SER A 262 0.11 -11.08 22.58
N GLU A 263 -0.84 -10.15 22.73
CA GLU A 263 -2.02 -10.06 21.82
C GLU A 263 -1.53 -9.65 20.43
N CYS A 264 -0.63 -8.66 20.36
CA CYS A 264 -0.07 -8.19 19.07
C CYS A 264 0.77 -9.30 18.42
N GLN A 265 1.66 -9.95 19.17
CA GLN A 265 2.42 -11.12 18.67
C GLN A 265 1.46 -12.17 18.10
N HIS A 266 0.38 -12.48 18.81
CA HIS A 266 -0.59 -13.50 18.37
C HIS A 266 -1.14 -13.11 16.99
N LEU A 267 -1.60 -11.86 16.82
CA LEU A 267 -2.21 -11.39 15.55
C LEU A 267 -1.17 -11.51 14.44
N ILE A 268 0.06 -11.06 14.69
CA ILE A 268 1.14 -11.09 13.67
C ILE A 268 1.39 -12.54 13.26
N ARG A 269 1.57 -13.45 14.22
CA ARG A 269 1.89 -14.88 13.96
C ARG A 269 0.74 -15.54 13.19
N TRP A 270 -0.50 -15.11 13.47
CA TRP A 270 -1.70 -15.63 12.76
C TRP A 270 -1.70 -15.15 11.30
N CYS A 271 -1.44 -13.86 11.06
CA CYS A 271 -1.34 -13.29 9.69
C CYS A 271 -0.21 -13.98 8.92
N LEU A 272 0.85 -14.39 9.62
CA LEU A 272 2.04 -15.02 9.00
C LEU A 272 1.98 -16.53 9.17
N ALA A 273 0.79 -17.13 9.27
CA ALA A 273 0.65 -18.61 9.17
C ALA A 273 1.21 -19.07 7.81
N LEU A 274 2.03 -20.12 7.79
CA LEU A 274 2.61 -20.68 6.54
C LEU A 274 1.50 -21.16 5.60
N ARG A 275 0.48 -21.89 6.10
CA ARG A 275 -0.64 -22.38 5.25
C ARG A 275 -1.65 -21.24 5.07
N PRO A 276 -1.93 -20.82 3.83
CA PRO A 276 -2.84 -19.70 3.59
C PRO A 276 -4.20 -19.86 4.28
N SER A 277 -4.75 -21.08 4.29
CA SER A 277 -6.07 -21.39 4.91
C SER A 277 -6.02 -21.21 6.44
N ASP A 278 -4.84 -21.15 7.06
CA ASP A 278 -4.69 -20.93 8.52
C ASP A 278 -4.65 -19.42 8.85
N ARG A 279 -4.59 -18.54 7.85
CA ARG A 279 -4.53 -17.08 8.09
C ARG A 279 -5.93 -16.57 8.44
N PRO A 280 -6.03 -15.48 9.21
CA PRO A 280 -7.32 -14.89 9.53
C PRO A 280 -7.92 -14.22 8.30
N THR A 281 -9.25 -14.19 8.25
CA THR A 281 -9.99 -13.27 7.37
C THR A 281 -9.79 -11.82 7.85
N PHE A 282 -10.11 -10.85 7.01
CA PHE A 282 -10.13 -9.42 7.42
C PHE A 282 -11.06 -9.24 8.61
N GLU A 283 -12.20 -9.93 8.61
CA GLU A 283 -13.16 -9.88 9.76
C GLU A 283 -12.44 -10.35 11.03
N GLU A 284 -11.72 -11.46 10.97
CA GLU A 284 -11.04 -12.03 12.17
C GLU A 284 -9.93 -11.09 12.63
N ILE A 285 -9.26 -10.41 11.70
CA ILE A 285 -8.20 -9.42 12.08
C ILE A 285 -8.87 -8.27 12.86
N GLN A 286 -9.95 -7.71 12.34
CA GLN A 286 -10.55 -6.49 12.94
C GLN A 286 -11.33 -6.86 14.20
N ASN A 287 -11.69 -8.13 14.38
CA ASN A 287 -12.34 -8.60 15.64
C ASN A 287 -11.28 -9.04 16.65
N HIS A 288 -10.00 -9.09 16.27
CA HIS A 288 -8.93 -9.55 17.19
C HIS A 288 -8.87 -8.65 18.43
N PRO A 289 -8.63 -9.20 19.66
CA PRO A 289 -8.52 -8.37 20.86
C PRO A 289 -7.52 -7.21 20.76
N TRP A 290 -6.38 -7.40 20.08
CA TRP A 290 -5.36 -6.34 19.91
C TRP A 290 -5.93 -5.14 19.15
N MET A 291 -6.94 -5.33 18.30
CA MET A 291 -7.45 -4.28 17.39
C MET A 291 -8.55 -3.43 18.03
N GLN A 292 -8.99 -3.72 19.26
CA GLN A 292 -10.16 -3.05 19.87
C GLN A 292 -9.75 -1.66 20.38
N ASP A 293 -10.71 -0.74 20.47
CA ASP A 293 -10.55 0.63 21.03
C ASP A 293 -9.56 1.45 20.19
N VAL A 294 -9.65 1.38 18.86
CA VAL A 294 -8.75 2.12 17.94
C VAL A 294 -8.99 3.61 18.15
N LEU A 295 -7.94 4.42 18.03
CA LEU A 295 -8.07 5.89 17.97
C LEU A 295 -8.76 6.28 16.66
N LEU A 296 -9.50 7.38 16.69
CA LEU A 296 -9.95 8.08 15.45
C LEU A 296 -8.72 8.73 14.80
N PRO A 297 -8.76 8.98 13.47
CA PRO A 297 -7.67 9.66 12.77
C PRO A 297 -7.22 10.99 13.43
N GLN A 298 -8.18 11.84 13.80
CA GLN A 298 -7.89 13.17 14.39
C GLN A 298 -7.23 13.00 15.77
N GLU A 299 -7.67 12.04 16.60
CA GLU A 299 -7.02 11.70 17.89
C GLU A 299 -5.58 11.24 17.60
N THR A 300 -5.40 10.39 16.61
CA THR A 300 -4.06 9.88 16.21
C THR A 300 -3.14 11.06 15.86
N ALA A 301 -3.59 12.02 15.06
CA ALA A 301 -2.82 13.22 14.68
C ALA A 301 -2.45 14.02 15.94
N GLU A 302 -3.42 14.27 16.82
CA GLU A 302 -3.24 15.14 18.02
C GLU A 302 -2.25 14.50 19.00
N ILE A 303 -2.35 13.18 19.21
CA ILE A 303 -1.55 12.46 20.23
C ILE A 303 -0.14 12.17 19.69
N HIS A 304 -0.01 11.77 18.43
CA HIS A 304 1.22 11.11 17.93
C HIS A 304 1.92 11.89 16.80
N LEU A 305 1.25 12.81 16.10
CA LEU A 305 1.79 13.39 14.85
C LEU A 305 2.00 14.90 15.02
N HIS A 306 1.11 15.61 15.73
CA HIS A 306 1.24 17.06 16.03
C HIS A 306 2.33 17.25 17.08
N ALA B 1 21.56 0.35 14.34
CA ALA B 1 22.78 -0.46 14.02
C ALA B 1 22.52 -1.33 12.79
N ARG B 2 21.40 -2.08 12.79
CA ARG B 2 21.03 -3.06 11.73
C ARG B 2 20.44 -2.33 10.51
N LYS B 3 20.80 -2.76 9.31
CA LYS B 3 20.45 -2.05 8.04
C LYS B 3 18.96 -2.22 7.72
N ARG B 4 18.25 -1.11 7.64
CA ARG B 4 16.85 -1.07 7.15
C ARG B 4 16.90 -0.48 5.74
N ARG B 5 16.22 -1.09 4.79
CA ARG B 5 16.30 -0.62 3.38
C ARG B 5 14.92 -0.76 2.74
N ARG B 6 14.71 0.04 1.70
CA ARG B 6 13.56 -0.12 0.79
C ARG B 6 13.83 -1.36 -0.06
N HIS B 7 12.78 -1.90 -0.67
CA HIS B 7 12.87 -3.11 -1.54
C HIS B 7 12.08 -2.80 -2.81
N PRO B 8 12.73 -2.78 -3.99
CA PRO B 8 12.03 -2.50 -5.24
C PRO B 8 11.00 -3.60 -5.50
N SER B 9 9.87 -3.21 -6.09
CA SER B 9 8.88 -4.12 -6.72
C SER B 9 9.52 -4.76 -7.95
N GLY B 10 9.20 -6.04 -8.23
CA GLY B 10 9.72 -6.79 -9.39
C GLY B 10 10.69 -7.90 -8.97
#